data_4TXR
#
_entry.id   4TXR
#
_cell.length_a   34.197
_cell.length_b   60.567
_cell.length_c   52.048
_cell.angle_alpha   90.00
_cell.angle_beta   90.39
_cell.angle_gamma   90.00
#
_symmetry.space_group_name_H-M   'P 1 21 1'
#
loop_
_entity.id
_entity.type
_entity.pdbx_description
1 polymer 'Charged multivesicular body protein 1b'
2 polymer 'Vacuolar protein sorting-associated protein VTA1 homolog'
3 polymer 'Charged multivesicular body protein 5'
4 non-polymer 'ACETATE ION'
5 non-polymer 1,2-ETHANEDIOL
6 water water
#
loop_
_entity_poly.entity_id
_entity_poly.type
_entity_poly.pdbx_seq_one_letter_code
_entity_poly.pdbx_strand_id
1 'polypeptide(L)' SVGTSVASAEQDELSQRLARLRDQV B
2 'polypeptide(L)'
;SMAALAPLPPLPAQFKSIQHHLRTAQEHDKRDPVVAYYCRLYAMQTGMKIDSKTPECRKFLSKLMDQLEALKKQLGDNEA
ITQEIVGCAHLENYALKMFLYADNEDRAGRFHKNMIKSFYTASLLIDVITVFGELTDENVKHRKYARWKATYIHNCLKNG
ETP
;
A
3 'polypeptide(L)' SMEDANEIQEALSRSYGTPELDEDDLEAELDALGDELLADEDSSYLDEAASAPAIPEG C
#
loop_
_chem_comp.id
_chem_comp.type
_chem_comp.name
_chem_comp.formula
ACT non-polymer 'ACETATE ION' 'C2 H3 O2 -1'
EDO non-polymer 1,2-ETHANEDIOL 'C2 H6 O2'
#
# COMPACT_ATOMS: atom_id res chain seq x y z
N GLN A 11 -14.35 18.32 -21.20
CA GLN A 11 -13.68 17.63 -20.10
C GLN A 11 -14.53 16.45 -19.57
N ASP A 12 -13.89 15.63 -18.73
N ASP A 12 -13.91 15.59 -18.77
CA ASP A 12 -14.46 14.41 -18.17
CA ASP A 12 -14.59 14.40 -18.23
C ASP A 12 -14.89 14.67 -16.72
C ASP A 12 -14.88 14.60 -16.75
N GLU A 13 -16.13 14.33 -16.35
CA GLU A 13 -16.58 14.55 -14.97
C GLU A 13 -15.73 13.80 -13.96
N LEU A 14 -15.28 12.59 -14.30
N LEU A 14 -15.24 12.62 -14.35
CA LEU A 14 -14.45 11.81 -13.40
CA LEU A 14 -14.47 11.79 -13.46
C LEU A 14 -13.10 12.48 -13.20
C LEU A 14 -13.09 12.39 -13.22
N SER A 15 -12.46 12.85 -14.30
CA SER A 15 -11.18 13.55 -14.21
C SER A 15 -11.36 14.85 -13.46
N GLN A 16 -12.46 15.55 -13.74
CA GLN A 16 -12.77 16.78 -13.04
C GLN A 16 -13.00 16.58 -11.55
N ARG A 17 -13.74 15.54 -11.17
CA ARG A 17 -14.01 15.27 -9.76
C ARG A 17 -12.72 14.94 -9.05
N LEU A 18 -11.85 14.20 -9.74
CA LEU A 18 -10.58 13.81 -9.14
C LEU A 18 -9.72 15.04 -8.98
N ALA A 19 -9.66 15.87 -10.02
CA ALA A 19 -8.92 17.13 -9.95
C ALA A 19 -9.47 18.00 -8.83
N ARG A 20 -10.79 18.12 -8.73
N ARG A 20 -10.79 18.12 -8.71
CA ARG A 20 -11.38 18.94 -7.68
CA ARG A 20 -11.38 18.94 -7.66
C ARG A 20 -11.08 18.37 -6.29
C ARG A 20 -11.07 18.38 -6.29
N LEU A 21 -11.13 17.05 -6.18
CA LEU A 21 -10.84 16.38 -4.92
C LEU A 21 -9.42 16.71 -4.46
N ARG A 22 -8.49 16.78 -5.40
CA ARG A 22 -7.08 16.99 -5.08
C ARG A 22 -6.65 18.45 -5.11
N ASP A 23 -7.58 19.34 -5.46
CA ASP A 23 -7.25 20.76 -5.53
C ASP A 23 -6.85 21.26 -4.15
N GLN A 24 -5.67 21.89 -4.07
CA GLN A 24 -5.15 22.37 -2.78
C GLN A 24 -5.65 23.78 -2.51
N VAL A 25 -6.46 23.92 -1.47
CA VAL A 25 -7.12 25.18 -1.12
C VAL A 25 -6.69 25.61 0.28
N LEU B 5 -19.21 3.25 3.87
CA LEU B 5 -18.78 3.34 2.47
C LEU B 5 -19.50 2.29 1.62
N ALA B 6 -20.05 2.75 0.50
CA ALA B 6 -20.71 1.84 -0.45
C ALA B 6 -19.68 0.90 -1.09
N PRO B 7 -19.92 -0.42 -1.05
CA PRO B 7 -18.94 -1.38 -1.59
C PRO B 7 -18.64 -1.18 -3.08
N LEU B 8 -17.42 -1.53 -3.49
CA LEU B 8 -17.03 -1.39 -4.88
C LEU B 8 -17.49 -2.59 -5.70
N PRO B 9 -17.69 -2.38 -7.01
CA PRO B 9 -17.96 -3.53 -7.87
C PRO B 9 -16.77 -4.49 -7.91
N PRO B 10 -16.97 -5.69 -8.50
CA PRO B 10 -15.85 -6.60 -8.70
C PRO B 10 -14.70 -5.90 -9.41
N LEU B 11 -13.47 -6.16 -8.97
CA LEU B 11 -12.31 -5.51 -9.57
C LEU B 11 -12.14 -5.95 -11.03
N PRO B 12 -12.10 -4.99 -11.96
CA PRO B 12 -11.80 -5.33 -13.35
C PRO B 12 -10.41 -5.96 -13.50
N ALA B 13 -10.26 -6.89 -14.44
CA ALA B 13 -8.96 -7.53 -14.66
C ALA B 13 -7.90 -6.49 -14.98
N GLN B 14 -8.31 -5.42 -15.65
CA GLN B 14 -7.41 -4.34 -16.00
C GLN B 14 -6.74 -3.71 -14.78
N PHE B 15 -7.38 -3.85 -13.61
CA PHE B 15 -6.94 -3.17 -12.39
C PHE B 15 -6.33 -4.12 -11.39
N LYS B 16 -5.87 -5.27 -11.86
CA LYS B 16 -5.20 -6.21 -10.97
C LYS B 16 -4.09 -5.52 -10.17
N SER B 17 -3.41 -4.56 -10.78
CA SER B 17 -2.24 -3.96 -10.14
C SER B 17 -2.55 -3.01 -8.97
N ILE B 18 -3.84 -2.72 -8.73
CA ILE B 18 -4.25 -1.91 -7.57
C ILE B 18 -5.05 -2.70 -6.54
N GLN B 19 -5.25 -4.00 -6.80
CA GLN B 19 -6.02 -4.87 -5.91
CA GLN B 19 -6.03 -4.84 -5.90
C GLN B 19 -5.51 -4.78 -4.47
N HIS B 20 -4.21 -4.93 -4.33
CA HIS B 20 -3.65 -5.06 -3.00
C HIS B 20 -3.61 -3.73 -2.25
N HIS B 21 -3.43 -2.62 -2.97
CA HIS B 21 -3.46 -1.29 -2.34
C HIS B 21 -4.88 -0.98 -1.83
N LEU B 22 -5.90 -1.44 -2.55
CA LEU B 22 -7.27 -1.29 -2.08
C LEU B 22 -7.53 -2.10 -0.80
N ARG B 23 -6.91 -3.27 -0.67
CA ARG B 23 -7.00 -4.01 0.59
C ARG B 23 -6.31 -3.22 1.70
N THR B 24 -5.16 -2.59 1.42
CA THR B 24 -4.51 -1.78 2.45
C THR B 24 -5.46 -0.65 2.90
N ALA B 25 -6.23 -0.09 1.97
CA ALA B 25 -7.22 0.92 2.35
C ALA B 25 -8.22 0.35 3.34
N GLN B 26 -8.79 -0.81 3.04
N GLN B 26 -8.77 -0.81 3.01
CA GLN B 26 -9.77 -1.42 3.93
CA GLN B 26 -9.75 -1.47 3.86
C GLN B 26 -9.18 -1.74 5.29
C GLN B 26 -9.18 -1.72 5.24
N GLU B 27 -7.93 -2.21 5.31
CA GLU B 27 -7.29 -2.50 6.58
C GLU B 27 -7.20 -1.27 7.48
N HIS B 28 -7.23 -0.07 6.88
CA HIS B 28 -7.05 1.16 7.61
C HIS B 28 -8.33 1.99 7.78
N ASP B 29 -9.48 1.49 7.35
CA ASP B 29 -10.68 2.31 7.42
C ASP B 29 -11.04 2.72 8.85
N LYS B 30 -10.72 1.88 9.83
CA LYS B 30 -10.84 2.27 11.23
C LYS B 30 -9.48 2.67 11.79
N ARG B 31 -8.44 1.89 11.51
CA ARG B 31 -7.15 2.12 12.15
C ARG B 31 -6.58 3.50 11.84
N ASP B 32 -6.61 3.92 10.56
CA ASP B 32 -6.01 5.20 10.19
C ASP B 32 -6.70 5.68 8.92
N PRO B 33 -7.78 6.43 9.08
CA PRO B 33 -8.53 6.87 7.90
C PRO B 33 -7.72 7.73 6.93
N VAL B 34 -6.68 8.41 7.38
CA VAL B 34 -5.82 9.16 6.47
C VAL B 34 -5.08 8.21 5.54
N VAL B 35 -4.51 7.15 6.10
CA VAL B 35 -3.91 6.11 5.28
C VAL B 35 -4.96 5.51 4.31
N ALA B 36 -6.16 5.23 4.80
CA ALA B 36 -7.19 4.64 3.95
C ALA B 36 -7.53 5.56 2.77
N TYR B 37 -7.63 6.86 3.04
CA TYR B 37 -7.93 7.83 2.00
C TYR B 37 -6.85 7.81 0.92
N TYR B 38 -5.58 7.90 1.35
CA TYR B 38 -4.53 8.00 0.36
C TYR B 38 -4.29 6.70 -0.42
N CYS B 39 -4.51 5.54 0.22
CA CYS B 39 -4.48 4.29 -0.52
C CYS B 39 -5.53 4.30 -1.65
N ARG B 40 -6.74 4.75 -1.34
CA ARG B 40 -7.76 4.90 -2.37
C ARG B 40 -7.39 5.93 -3.43
N LEU B 41 -6.74 7.02 -3.02
CA LEU B 41 -6.38 8.06 -3.98
C LEU B 41 -5.35 7.53 -4.97
N TYR B 42 -4.35 6.82 -4.45
CA TYR B 42 -3.37 6.17 -5.33
C TYR B 42 -4.08 5.20 -6.29
N ALA B 43 -5.01 4.41 -5.77
CA ALA B 43 -5.69 3.42 -6.61
C ALA B 43 -6.47 4.11 -7.71
N MET B 44 -7.16 5.19 -7.36
CA MET B 44 -7.97 5.95 -8.31
C MET B 44 -7.11 6.59 -9.39
N GLN B 45 -6.04 7.27 -8.98
CA GLN B 45 -5.16 7.90 -9.96
C GLN B 45 -4.53 6.86 -10.89
N THR B 46 -4.10 5.75 -10.31
CA THR B 46 -3.47 4.70 -11.09
C THR B 46 -4.48 4.07 -12.06
N GLY B 47 -5.69 3.79 -11.56
CA GLY B 47 -6.71 3.22 -12.42
C GLY B 47 -7.10 4.13 -13.57
N MET B 48 -7.18 5.43 -13.30
CA MET B 48 -7.53 6.36 -14.35
CA MET B 48 -7.53 6.40 -14.34
C MET B 48 -6.49 6.35 -15.46
N LYS B 49 -5.23 6.16 -15.10
CA LYS B 49 -4.17 6.13 -16.09
C LYS B 49 -4.21 4.82 -16.87
N ILE B 50 -4.60 3.73 -16.21
CA ILE B 50 -4.65 2.44 -16.87
C ILE B 50 -5.79 2.39 -17.89
N ASP B 51 -7.02 2.65 -17.45
CA ASP B 51 -8.18 2.55 -18.33
C ASP B 51 -9.37 3.27 -17.70
N SER B 52 -9.71 4.43 -18.25
CA SER B 52 -10.87 5.20 -17.78
C SER B 52 -12.03 5.14 -18.79
N LYS B 53 -11.94 4.22 -19.75
CA LYS B 53 -12.89 4.20 -20.88
C LYS B 53 -13.71 2.90 -20.98
N THR B 54 -13.09 1.75 -20.79
CA THR B 54 -13.82 0.48 -20.80
C THR B 54 -14.94 0.56 -19.77
N PRO B 55 -16.18 0.21 -20.15
CA PRO B 55 -17.30 0.46 -19.23
C PRO B 55 -17.11 -0.11 -17.81
N GLU B 56 -16.63 -1.33 -17.69
CA GLU B 56 -16.48 -1.95 -16.37
C GLU B 56 -15.50 -1.14 -15.53
N CYS B 57 -14.47 -0.64 -16.19
CA CYS B 57 -13.42 0.09 -15.51
C CYS B 57 -13.95 1.44 -15.06
N ARG B 58 -14.68 2.11 -15.96
CA ARG B 58 -15.21 3.41 -15.63
C ARG B 58 -16.25 3.33 -14.50
N LYS B 59 -17.07 2.28 -14.49
CA LYS B 59 -18.04 2.04 -13.40
C LYS B 59 -17.30 1.91 -12.07
N PHE B 60 -16.27 1.09 -12.05
CA PHE B 60 -15.47 0.86 -10.85
C PHE B 60 -14.86 2.17 -10.33
N LEU B 61 -14.24 2.93 -11.22
CA LEU B 61 -13.61 4.20 -10.85
C LEU B 61 -14.63 5.21 -10.33
N SER B 62 -15.81 5.23 -10.94
N SER B 62 -15.86 5.20 -10.85
CA SER B 62 -16.85 6.14 -10.53
CA SER B 62 -16.90 6.09 -10.32
C SER B 62 -17.22 5.90 -9.07
C SER B 62 -17.29 5.71 -8.89
N LYS B 63 -17.38 4.64 -8.70
N LYS B 63 -17.38 4.41 -8.61
CA LYS B 63 -17.72 4.26 -7.33
CA LYS B 63 -17.71 3.98 -7.28
C LYS B 63 -16.55 4.53 -6.36
C LYS B 63 -16.56 4.25 -6.30
N LEU B 64 -15.33 4.28 -6.80
CA LEU B 64 -14.16 4.61 -5.99
C LEU B 64 -14.13 6.12 -5.73
N MET B 65 -14.44 6.91 -6.75
N MET B 65 -14.45 6.93 -6.73
CA MET B 65 -14.54 8.35 -6.61
CA MET B 65 -14.52 8.38 -6.53
C MET B 65 -15.57 8.73 -5.53
C MET B 65 -15.57 8.74 -5.49
N ASP B 66 -16.71 8.04 -5.52
CA ASP B 66 -17.75 8.26 -4.51
C ASP B 66 -17.18 8.00 -3.11
N GLN B 67 -16.40 6.94 -2.96
CA GLN B 67 -15.79 6.64 -1.67
C GLN B 67 -14.83 7.74 -1.25
N LEU B 68 -13.99 8.19 -2.17
CA LEU B 68 -13.03 9.26 -1.89
C LEU B 68 -13.72 10.54 -1.43
N GLU B 69 -14.80 10.89 -2.11
CA GLU B 69 -15.51 12.11 -1.77
C GLU B 69 -16.16 11.99 -0.38
N ALA B 70 -16.72 10.83 -0.07
CA ALA B 70 -17.33 10.61 1.23
C ALA B 70 -16.28 10.70 2.34
N LEU B 71 -15.13 10.11 2.11
CA LEU B 71 -14.06 10.13 3.11
CA LEU B 71 -14.11 10.12 3.13
C LEU B 71 -13.53 11.54 3.30
N LYS B 72 -13.34 12.25 2.20
CA LYS B 72 -12.81 13.60 2.30
C LYS B 72 -13.78 14.50 3.08
N LYS B 73 -15.08 14.32 2.84
CA LYS B 73 -16.10 15.04 3.58
C LYS B 73 -16.02 14.69 5.08
N GLN B 74 -15.99 13.40 5.40
CA GLN B 74 -15.92 12.94 6.78
C GLN B 74 -14.68 13.50 7.51
N LEU B 75 -13.54 13.57 6.81
CA LEU B 75 -12.24 13.96 7.39
CA LEU B 75 -12.26 13.95 7.40
C LEU B 75 -11.80 15.36 6.97
N GLY B 76 -12.75 16.20 6.60
CA GLY B 76 -12.44 17.50 6.04
C GLY B 76 -11.63 18.48 6.89
N ASP B 77 -11.74 18.43 8.22
CA ASP B 77 -11.03 19.35 9.11
CA ASP B 77 -11.00 19.39 9.04
C ASP B 77 -9.65 18.84 9.48
N ASN B 78 -9.23 17.76 8.83
CA ASN B 78 -7.98 17.10 9.13
C ASN B 78 -6.90 17.66 8.22
N GLU B 79 -5.85 18.24 8.82
CA GLU B 79 -4.79 18.87 8.05
C GLU B 79 -4.13 17.91 7.06
N ALA B 80 -4.06 16.62 7.41
CA ALA B 80 -3.42 15.66 6.52
C ALA B 80 -4.27 15.39 5.26
N ILE B 81 -5.55 15.77 5.30
CA ILE B 81 -6.45 15.59 4.16
C ILE B 81 -6.55 16.88 3.35
N THR B 82 -6.60 18.02 4.02
CA THR B 82 -6.72 19.29 3.31
C THR B 82 -5.40 19.71 2.68
N GLN B 83 -4.27 19.21 3.20
CA GLN B 83 -2.98 19.48 2.61
C GLN B 83 -2.31 18.16 2.26
N GLU B 84 -2.19 17.90 0.98
CA GLU B 84 -1.52 16.68 0.56
C GLU B 84 -0.07 16.57 1.06
N ILE B 85 0.63 17.68 1.25
N ILE B 85 0.61 17.72 1.25
N ILE B 85 0.60 17.70 1.24
CA ILE B 85 2.01 17.56 1.72
CA ILE B 85 1.98 17.70 1.75
CA ILE B 85 1.97 17.69 1.74
C ILE B 85 2.05 17.09 3.19
C ILE B 85 2.02 17.10 3.16
C ILE B 85 2.03 17.12 3.16
N VAL B 86 0.98 17.35 3.94
CA VAL B 86 0.89 16.83 5.29
C VAL B 86 0.46 15.35 5.24
N GLY B 87 -0.48 15.01 4.37
CA GLY B 87 -0.82 13.62 4.16
C GLY B 87 0.40 12.78 3.79
N CYS B 88 1.24 13.31 2.91
CA CYS B 88 2.43 12.59 2.49
C CYS B 88 3.33 12.33 3.70
N ALA B 89 3.55 13.37 4.50
CA ALA B 89 4.36 13.20 5.72
C ALA B 89 3.78 12.11 6.62
N HIS B 90 2.46 12.12 6.80
CA HIS B 90 1.83 11.11 7.63
C HIS B 90 2.10 9.70 7.11
N LEU B 91 1.92 9.51 5.81
CA LEU B 91 2.16 8.21 5.15
CA LEU B 91 2.17 8.19 5.26
C LEU B 91 3.64 7.81 5.30
N GLU B 92 4.54 8.78 5.10
CA GLU B 92 5.96 8.51 5.19
C GLU B 92 6.33 7.98 6.58
N ASN B 93 5.93 8.68 7.63
CA ASN B 93 6.31 8.25 8.97
C ASN B 93 5.68 6.91 9.30
N TYR B 94 4.43 6.72 8.88
CA TYR B 94 3.69 5.50 9.16
C TYR B 94 4.31 4.27 8.48
N ALA B 95 4.61 4.42 7.19
CA ALA B 95 5.24 3.36 6.43
C ALA B 95 6.62 3.03 6.97
N LEU B 96 7.40 4.06 7.35
CA LEU B 96 8.74 3.82 7.90
C LEU B 96 8.65 3.01 9.19
N LYS B 97 7.71 3.37 10.05
N LYS B 97 7.72 3.35 10.08
CA LYS B 97 7.55 2.67 11.32
CA LYS B 97 7.61 2.62 11.35
C LYS B 97 7.32 1.17 11.05
C LYS B 97 7.29 1.14 11.08
N MET B 98 6.44 0.90 10.09
CA MET B 98 6.09 -0.48 9.75
C MET B 98 7.31 -1.22 9.16
N PHE B 99 8.00 -0.56 8.23
CA PHE B 99 9.22 -1.11 7.64
C PHE B 99 10.23 -1.47 8.73
N LEU B 100 10.47 -0.54 9.66
CA LEU B 100 11.48 -0.76 10.68
C LEU B 100 11.08 -1.84 11.66
N TYR B 101 9.78 -1.98 11.94
CA TYR B 101 9.33 -3.11 12.75
C TYR B 101 9.75 -4.42 12.08
N ALA B 102 9.46 -4.54 10.79
CA ALA B 102 9.77 -5.76 10.07
C ALA B 102 11.28 -6.00 10.02
N ASP B 103 12.02 -4.94 9.74
N ASP B 103 12.05 -4.97 9.78
CA ASP B 103 13.50 -4.93 9.66
CA ASP B 103 13.46 -5.21 9.63
C ASP B 103 14.07 -5.45 10.99
C ASP B 103 14.14 -5.43 10.99
N ASN B 104 13.58 -4.91 12.08
CA ASN B 104 14.08 -5.28 13.41
C ASN B 104 13.76 -6.74 13.74
N GLU B 105 12.58 -7.23 13.33
CA GLU B 105 12.28 -8.65 13.51
C GLU B 105 13.26 -9.49 12.71
N ASP B 106 13.46 -9.13 11.45
CA ASP B 106 14.39 -9.86 10.58
C ASP B 106 15.79 -9.90 11.19
N ARG B 107 16.28 -8.77 11.67
CA ARG B 107 17.62 -8.64 12.25
CA ARG B 107 17.65 -8.75 12.12
C ARG B 107 17.79 -9.47 13.50
N ALA B 108 16.69 -9.72 14.18
CA ALA B 108 16.69 -10.52 15.40
C ALA B 108 16.48 -12.01 15.10
N GLY B 109 16.24 -12.36 13.84
CA GLY B 109 16.00 -13.75 13.48
C GLY B 109 14.61 -14.25 13.83
N ARG B 110 13.67 -13.33 13.96
CA ARG B 110 12.28 -13.67 14.25
C ARG B 110 11.47 -13.59 12.95
N PHE B 111 11.17 -14.76 12.38
CA PHE B 111 10.51 -14.87 11.09
C PHE B 111 9.13 -15.40 11.28
N HIS B 112 8.14 -14.62 10.86
CA HIS B 112 6.75 -14.95 11.12
C HIS B 112 5.86 -14.14 10.19
N LYS B 113 4.59 -14.52 10.13
CA LYS B 113 3.67 -13.84 9.24
C LYS B 113 3.53 -12.35 9.52
N ASN B 114 3.55 -11.93 10.79
CA ASN B 114 3.34 -10.51 11.05
C ASN B 114 4.44 -9.64 10.44
N MET B 115 5.69 -10.09 10.51
CA MET B 115 6.76 -9.31 9.92
C MET B 115 6.80 -9.45 8.39
N ILE B 116 6.40 -10.59 7.84
CA ILE B 116 6.26 -10.72 6.38
C ILE B 116 5.21 -9.73 5.87
N LYS B 117 4.06 -9.72 6.52
CA LYS B 117 2.97 -8.81 6.13
C LYS B 117 3.41 -7.36 6.28
N SER B 118 4.19 -7.07 7.31
CA SER B 118 4.69 -5.68 7.52
C SER B 118 5.62 -5.26 6.40
N PHE B 119 6.54 -6.12 5.98
CA PHE B 119 7.38 -5.78 4.84
C PHE B 119 6.50 -5.55 3.59
N TYR B 120 5.57 -6.48 3.37
CA TYR B 120 4.74 -6.43 2.16
C TYR B 120 3.93 -5.12 2.13
N THR B 121 3.20 -4.86 3.20
CA THR B 121 2.35 -3.67 3.25
C THR B 121 3.20 -2.38 3.26
N ALA B 122 4.37 -2.40 3.87
CA ALA B 122 5.22 -1.22 3.80
C ALA B 122 5.54 -0.91 2.33
N SER B 123 5.80 -1.95 1.53
CA SER B 123 6.09 -1.73 0.11
C SER B 123 4.89 -1.14 -0.61
N LEU B 124 3.69 -1.63 -0.29
CA LEU B 124 2.46 -1.09 -0.89
C LEU B 124 2.29 0.39 -0.50
N LEU B 125 2.60 0.73 0.75
CA LEU B 125 2.45 2.11 1.18
C LEU B 125 3.45 3.02 0.48
N ILE B 126 4.66 2.53 0.21
CA ILE B 126 5.59 3.32 -0.58
C ILE B 126 5.07 3.50 -2.02
N ASP B 127 4.46 2.47 -2.61
CA ASP B 127 3.77 2.67 -3.87
C ASP B 127 2.76 3.83 -3.73
N VAL B 128 1.95 3.80 -2.68
CA VAL B 128 0.92 4.81 -2.49
C VAL B 128 1.56 6.21 -2.45
N ILE B 129 2.70 6.33 -1.78
CA ILE B 129 3.37 7.62 -1.65
C ILE B 129 3.73 8.22 -3.02
N THR B 130 3.87 7.41 -4.06
CA THR B 130 4.13 7.96 -5.39
C THR B 130 3.00 8.87 -5.87
N VAL B 131 1.81 8.79 -5.29
CA VAL B 131 0.74 9.68 -5.68
C VAL B 131 1.10 11.15 -5.40
N PHE B 132 2.04 11.38 -4.49
CA PHE B 132 2.44 12.73 -4.10
C PHE B 132 3.59 13.28 -4.94
N GLY B 133 4.32 12.42 -5.63
CA GLY B 133 5.48 12.85 -6.39
C GLY B 133 6.60 11.83 -6.29
N GLU B 134 7.82 12.28 -6.63
N GLU B 134 7.80 12.20 -6.72
CA GLU B 134 9.03 11.43 -6.66
CA GLU B 134 8.89 11.24 -6.75
C GLU B 134 9.31 10.84 -5.28
C GLU B 134 9.25 10.81 -5.35
N LEU B 135 9.62 9.55 -5.23
CA LEU B 135 9.99 8.95 -3.97
C LEU B 135 11.31 9.50 -3.43
N THR B 136 11.46 9.51 -2.12
CA THR B 136 12.74 9.87 -1.55
C THR B 136 13.75 8.74 -1.81
N ASP B 137 15.03 9.05 -1.62
CA ASP B 137 16.07 8.06 -1.77
C ASP B 137 15.81 6.86 -0.85
N GLU B 138 15.47 7.14 0.40
CA GLU B 138 15.23 6.07 1.35
CA GLU B 138 15.21 6.10 1.36
C GLU B 138 14.00 5.26 0.93
N ASN B 139 12.95 5.93 0.46
CA ASN B 139 11.77 5.20 -0.02
C ASN B 139 12.13 4.21 -1.13
N VAL B 140 12.96 4.63 -2.09
CA VAL B 140 13.31 3.74 -3.21
C VAL B 140 14.00 2.50 -2.68
N LYS B 141 14.98 2.71 -1.80
CA LYS B 141 15.76 1.60 -1.26
C LYS B 141 14.92 0.70 -0.38
N HIS B 142 14.17 1.31 0.55
N HIS B 142 14.07 1.28 0.45
CA HIS B 142 13.37 0.52 1.49
CA HIS B 142 13.25 0.47 1.32
C HIS B 142 12.32 -0.30 0.75
C HIS B 142 12.16 -0.28 0.58
N ARG B 143 11.69 0.26 -0.28
N ARG B 143 11.58 0.30 -0.46
CA ARG B 143 10.69 -0.50 -1.04
CA ARG B 143 10.56 -0.41 -1.21
C ARG B 143 11.33 -1.70 -1.75
C ARG B 143 11.13 -1.69 -1.80
N LYS B 144 12.48 -1.50 -2.36
N LYS B 144 12.30 -1.58 -2.44
CA LYS B 144 13.15 -2.59 -3.08
CA LYS B 144 12.95 -2.74 -3.06
C LYS B 144 13.46 -3.71 -2.09
C LYS B 144 13.32 -3.77 -2.01
N TYR B 145 13.93 -3.32 -0.91
CA TYR B 145 14.35 -4.26 0.14
C TYR B 145 13.15 -4.97 0.76
N ALA B 146 12.06 -4.25 0.99
CA ALA B 146 10.86 -4.84 1.57
C ALA B 146 10.22 -5.87 0.63
N ARG B 147 10.21 -5.57 -0.66
N ARG B 147 10.16 -5.56 -0.66
CA ARG B 147 9.67 -6.50 -1.65
CA ARG B 147 9.62 -6.52 -1.63
C ARG B 147 10.47 -7.79 -1.63
C ARG B 147 10.46 -7.80 -1.63
N TRP B 148 11.78 -7.64 -1.61
CA TRP B 148 12.70 -8.77 -1.51
C TRP B 148 12.44 -9.57 -0.24
N LYS B 149 12.50 -8.92 0.92
CA LYS B 149 12.42 -9.67 2.17
C LYS B 149 11.07 -10.33 2.35
N ALA B 150 9.97 -9.66 1.99
CA ALA B 150 8.65 -10.28 2.18
C ALA B 150 8.60 -11.62 1.48
N THR B 151 9.03 -11.64 0.23
CA THR B 151 8.97 -12.85 -0.57
C THR B 151 10.06 -13.85 -0.18
N TYR B 152 11.27 -13.40 0.07
CA TYR B 152 12.36 -14.28 0.46
C TYR B 152 12.03 -14.99 1.75
N ILE B 153 11.58 -14.27 2.76
CA ILE B 153 11.29 -14.89 4.04
CA ILE B 153 11.24 -14.89 4.05
C ILE B 153 10.09 -15.85 3.89
N HIS B 154 9.06 -15.45 3.18
CA HIS B 154 7.95 -16.35 2.92
C HIS B 154 8.47 -17.63 2.29
N ASN B 155 9.33 -17.51 1.29
CA ASN B 155 9.84 -18.68 0.59
C ASN B 155 10.71 -19.54 1.50
N CYS B 156 11.55 -18.91 2.31
CA CYS B 156 12.37 -19.68 3.24
C CYS B 156 11.50 -20.49 4.18
N LEU B 157 10.47 -19.87 4.73
CA LEU B 157 9.63 -20.57 5.69
C LEU B 157 8.97 -21.78 5.03
N LYS B 158 8.64 -21.60 3.75
N LYS B 158 8.32 -21.59 3.87
CA LYS B 158 8.00 -22.64 2.97
CA LYS B 158 7.50 -22.65 3.28
C LYS B 158 8.95 -23.80 2.65
C LYS B 158 8.33 -23.86 2.85
N ASN B 159 10.22 -23.48 2.39
N ASN B 159 9.63 -23.64 2.67
CA ASN B 159 11.19 -24.48 1.95
CA ASN B 159 10.52 -24.68 2.12
C ASN B 159 11.96 -25.05 3.10
C ASN B 159 11.61 -25.16 3.06
N GLY B 160 11.61 -24.67 4.31
CA GLY B 160 12.42 -25.12 5.41
C GLY B 160 13.79 -24.48 5.42
N GLU B 161 14.00 -23.46 4.58
CA GLU B 161 15.27 -22.76 4.51
CA GLU B 161 15.28 -22.77 4.53
C GLU B 161 15.38 -21.75 5.66
N THR B 162 16.61 -21.52 6.08
CA THR B 162 16.90 -20.56 7.14
C THR B 162 17.30 -19.23 6.50
N PRO B 163 16.56 -18.12 6.73
CA PRO B 163 16.88 -16.89 6.00
C PRO B 163 18.33 -16.39 6.16
N ARG C 14 22.50 1.43 9.00
CA ARG C 14 22.02 0.20 8.37
CA ARG C 14 22.02 0.20 8.36
C ARG C 14 22.01 0.36 6.85
N SER C 15 22.35 -0.73 6.16
CA SER C 15 22.37 -0.77 4.70
CA SER C 15 22.34 -0.74 4.70
C SER C 15 21.25 -1.69 4.19
N TYR C 16 20.67 -1.34 3.06
CA TYR C 16 19.50 -2.02 2.53
C TYR C 16 19.72 -2.44 1.09
N GLY C 17 20.94 -2.82 0.76
CA GLY C 17 21.19 -3.34 -0.58
C GLY C 17 20.31 -4.54 -0.87
N THR C 18 19.86 -4.67 -2.11
CA THR C 18 19.03 -5.79 -2.54
C THR C 18 19.75 -6.48 -3.69
N PRO C 19 19.87 -7.81 -3.66
CA PRO C 19 20.51 -8.51 -4.80
C PRO C 19 19.67 -8.42 -6.06
N GLU C 20 20.26 -8.79 -7.20
N GLU C 20 20.26 -8.63 -7.23
CA GLU C 20 19.51 -8.99 -8.42
CA GLU C 20 19.43 -8.72 -8.43
C GLU C 20 18.39 -10.00 -8.18
C GLU C 20 18.42 -9.86 -8.20
N LEU C 21 17.18 -9.64 -8.63
CA LEU C 21 16.04 -10.54 -8.49
C LEU C 21 15.35 -10.64 -9.84
N ASP C 22 14.72 -11.78 -10.12
CA ASP C 22 13.85 -11.93 -11.31
C ASP C 22 12.64 -11.07 -11.07
N GLU C 23 12.60 -9.90 -11.70
N GLU C 23 12.58 -9.93 -11.72
CA GLU C 23 11.57 -8.92 -11.37
CA GLU C 23 11.59 -8.91 -11.37
C GLU C 23 10.17 -9.46 -11.66
C GLU C 23 10.16 -9.31 -11.75
N ASP C 24 9.98 -10.05 -12.85
CA ASP C 24 8.65 -10.52 -13.19
C ASP C 24 8.21 -11.59 -12.18
N ASP C 25 9.10 -12.49 -11.79
CA ASP C 25 8.73 -13.52 -10.82
C ASP C 25 8.45 -12.87 -9.45
N LEU C 26 9.25 -11.88 -9.08
CA LEU C 26 9.02 -11.17 -7.84
C LEU C 26 7.61 -10.56 -7.82
N GLU C 27 7.20 -9.93 -8.92
N GLU C 27 7.22 -9.91 -8.90
CA GLU C 27 5.86 -9.36 -9.02
CA GLU C 27 5.87 -9.35 -8.96
C GLU C 27 4.77 -10.40 -8.85
C GLU C 27 4.83 -10.46 -8.73
N ALA C 28 4.97 -11.59 -9.43
CA ALA C 28 4.03 -12.68 -9.27
C ALA C 28 3.99 -13.18 -7.82
N GLU C 29 5.15 -13.30 -7.19
N GLU C 29 5.17 -13.31 -7.21
CA GLU C 29 5.20 -13.75 -5.80
CA GLU C 29 5.26 -13.73 -5.82
C GLU C 29 4.63 -12.73 -4.81
C GLU C 29 4.54 -12.74 -4.91
N LEU C 30 4.81 -11.45 -5.13
CA LEU C 30 4.20 -10.41 -4.32
C LEU C 30 2.68 -10.46 -4.42
N ASP C 31 2.19 -10.64 -5.65
N ASP C 31 2.15 -10.63 -5.61
CA ASP C 31 0.75 -10.70 -5.92
CA ASP C 31 0.71 -10.71 -5.73
C ASP C 31 0.12 -11.89 -5.20
C ASP C 31 0.16 -11.91 -4.98
N ALA C 32 0.85 -13.02 -5.10
CA ALA C 32 0.41 -14.24 -4.39
C ALA C 32 0.43 -13.99 -2.87
N LEU C 33 1.39 -13.22 -2.42
N LEU C 33 1.43 -13.25 -2.39
CA LEU C 33 1.44 -12.91 -1.01
CA LEU C 33 1.47 -12.85 -0.97
C LEU C 33 0.31 -11.97 -0.60
C LEU C 33 0.25 -12.01 -0.64
N GLY C 34 -0.01 -11.02 -1.48
CA GLY C 34 -1.16 -10.16 -1.28
C GLY C 34 -2.45 -10.97 -1.22
N ASP C 35 -2.51 -12.05 -2.00
CA ASP C 35 -3.68 -12.93 -1.97
C ASP C 35 -3.77 -13.66 -0.65
N GLU C 36 -2.65 -14.11 -0.10
CA GLU C 36 -2.68 -14.72 1.22
C GLU C 36 -3.15 -13.70 2.25
N LEU C 37 -2.77 -12.44 2.07
CA LEU C 37 -3.24 -11.37 2.95
C LEU C 37 -4.76 -11.15 2.78
N LEU C 38 -5.25 -11.08 1.54
CA LEU C 38 -6.69 -10.87 1.27
C LEU C 38 -7.57 -11.96 1.89
N ALA C 39 -7.02 -13.16 2.00
CA ALA C 39 -7.76 -14.32 2.50
C ALA C 39 -7.57 -14.50 3.99
N ASP C 40 -6.91 -13.53 4.62
CA ASP C 40 -6.61 -13.61 6.04
C ASP C 40 -7.27 -12.43 6.75
N GLU C 41 -8.25 -12.70 7.60
N GLU C 41 -8.21 -12.75 7.63
CA GLU C 41 -8.94 -11.62 8.28
CA GLU C 41 -8.98 -11.73 8.36
C GLU C 41 -8.02 -10.88 9.24
C GLU C 41 -8.14 -11.08 9.46
N ASP C 42 -6.88 -11.50 9.58
CA ASP C 42 -6.04 -10.97 10.66
CA ASP C 42 -6.09 -10.94 10.67
C ASP C 42 -5.12 -9.87 10.19
N SER C 43 -5.46 -8.64 10.65
N SER C 43 -5.37 -8.61 10.53
N SER C 43 -5.38 -8.66 10.68
CA SER C 43 -4.74 -7.40 10.35
CA SER C 43 -4.38 -7.58 10.21
CA SER C 43 -4.62 -7.48 10.30
C SER C 43 -3.91 -6.91 11.52
C SER C 43 -3.86 -6.92 11.49
C SER C 43 -3.91 -6.91 11.52
N SER C 44 -3.80 -7.70 12.58
CA SER C 44 -3.19 -7.23 13.81
C SER C 44 -1.72 -6.87 13.66
N TYR C 45 -1.05 -7.39 12.62
CA TYR C 45 0.33 -6.99 12.37
C TYR C 45 0.47 -5.47 12.31
N LEU C 46 -0.56 -4.78 11.82
CA LEU C 46 -0.48 -3.34 11.70
C LEU C 46 -0.35 -2.68 13.07
N ASP C 47 -1.09 -3.23 14.03
CA ASP C 47 -1.09 -2.68 15.37
C ASP C 47 0.21 -3.05 16.10
N GLU C 48 0.70 -4.26 15.90
N GLU C 48 0.70 -4.25 15.88
CA GLU C 48 1.99 -4.63 16.46
CA GLU C 48 1.97 -4.70 16.44
CA GLU C 48 2.41 -5.50 16.82
C GLU C 48 3.06 -3.68 15.94
C GLU C 48 3.14 -3.86 15.91
N ALA C 49 3.10 -3.52 14.62
CA ALA C 49 4.14 -2.71 14.02
C ALA C 49 4.10 -1.30 14.59
N ALA C 50 2.91 -0.76 14.78
CA ALA C 50 2.81 0.60 15.30
C ALA C 50 3.29 0.70 16.76
N SER C 51 3.09 -0.35 17.55
CA SER C 51 3.43 -0.30 18.99
C SER C 51 4.86 -0.74 19.28
N ALA C 52 5.54 -1.27 18.27
CA ALA C 52 6.89 -1.75 18.49
C ALA C 52 7.77 -0.58 18.96
N PRO C 53 8.75 -0.85 19.85
CA PRO C 53 9.67 0.18 20.36
C PRO C 53 10.38 0.96 19.26
C ACT D . 10.23 3.98 4.10
O ACT D . 11.03 4.56 3.32
OXT ACT D . 10.62 3.03 4.82
CH3 ACT D . 8.82 4.44 4.18
H1 ACT D . 8.30 3.84 4.93
H2 ACT D . 8.80 5.49 4.47
H3 ACT D . 8.34 4.32 3.21
C1 EDO E . 7.71 11.84 -1.27
O1 EDO E . 8.42 12.93 -0.68
C2 EDO E . 6.70 12.34 -2.28
O2 EDO E . 7.34 13.10 -3.34
H11 EDO E . 8.43 11.16 -1.76
H12 EDO E . 7.20 11.27 -0.49
HO1 EDO E . 9.06 12.59 -0.03
H21 EDO E . 5.96 12.97 -1.79
H22 EDO E . 6.17 11.49 -2.73
HO2 EDO E . 6.67 13.40 -3.97
C1 EDO F . -13.27 -0.44 -1.13
O1 EDO F . -13.59 -0.29 0.26
C2 EDO F . -11.80 -0.18 -1.34
O2 EDO F . -11.04 -1.25 -0.78
H11 EDO F . -13.52 -1.46 -1.46
H12 EDO F . -13.86 0.26 -1.71
HO1 EDO F . -14.54 -0.45 0.40
H21 EDO F . -11.59 -0.11 -2.42
H22 EDO F . -11.51 0.76 -0.88
HO2 EDO F . -10.10 -1.10 -0.91
C1 EDO G . -20.73 -3.65 -14.35
O1 EDO G . -19.44 -4.07 -14.81
C2 EDO G . -21.57 -4.83 -13.87
O2 EDO G . -22.92 -4.43 -13.68
H11 EDO G . -21.25 -3.15 -15.17
H12 EDO G . -20.62 -2.93 -13.54
HO1 EDO G . -18.94 -3.30 -15.11
H21 EDO G . -21.52 -5.64 -14.61
H22 EDO G . -21.15 -5.21 -12.93
HO2 EDO G . -23.44 -5.19 -13.38
C1 EDO H . 6.62 -21.96 -8.68
O1 EDO H . 6.99 -22.06 -7.30
C2 EDO H . 7.36 -22.99 -9.52
O2 EDO H . 7.87 -22.37 -10.70
H11 EDO H . 6.86 -20.95 -9.04
H12 EDO H . 5.54 -22.12 -8.78
HO1 EDO H . 6.51 -21.41 -6.78
H21 EDO H . 8.19 -23.40 -8.93
H22 EDO H . 6.68 -23.80 -9.78
HO2 EDO H . 8.35 -23.02 -11.23
C1 EDO I . -6.66 5.66 -20.03
O1 EDO I . -7.97 5.52 -20.61
C2 EDO I . -6.38 7.12 -19.74
O2 EDO I . -7.40 7.64 -18.87
H11 EDO I . -6.61 5.08 -19.10
H12 EDO I . -5.92 5.26 -20.73
HO1 EDO I . -8.15 4.59 -20.79
H21 EDO I . -5.41 7.23 -19.26
H22 EDO I . -6.36 7.69 -20.67
HO2 EDO I . -7.22 8.58 -18.69
C1 EDO J . -19.88 14.11 -1.27
O1 EDO J . -19.35 15.42 -1.04
C2 EDO J . -19.90 13.32 0.03
O2 EDO J . -20.26 11.96 -0.20
H11 EDO J . -19.27 13.59 -2.01
H12 EDO J . -20.90 14.19 -1.67
HO1 EDO J . -19.34 15.92 -1.87
H21 EDO J . -18.92 13.37 0.50
H22 EDO J . -20.62 13.77 0.73
HO2 EDO J . -20.26 11.47 0.64
C1 EDO K . -7.23 -12.71 -5.38
O1 EDO K . -6.29 -12.64 -6.46
C2 EDO K . -8.59 -12.25 -5.89
O2 EDO K . -9.45 -11.99 -4.77
H11 EDO K . -6.90 -12.07 -4.56
H12 EDO K . -7.29 -13.74 -5.02
HO1 EDO K . -5.42 -12.93 -6.15
H21 EDO K . -8.47 -11.36 -6.49
H22 EDO K . -9.03 -13.04 -6.51
HO2 EDO K . -10.32 -11.69 -5.10
C1 EDO L . 12.13 -27.55 0.02
O1 EDO L . 13.15 -26.89 -0.73
C2 EDO L . 11.75 -28.82 -0.69
O2 EDO L . 12.80 -29.79 -0.59
H11 EDO L . 12.50 -27.77 1.03
H12 EDO L . 11.25 -26.90 0.12
HO1 EDO L . 13.40 -26.06 -0.28
H21 EDO L . 11.54 -28.61 -1.74
H22 EDO L . 10.84 -29.23 -0.24
HO2 EDO L . 12.55 -30.59 -1.05
C1 EDO M . 0.17 -17.92 -15.46
O1 EDO M . 1.40 -17.86 -16.20
C2 EDO M . 0.48 -17.74 -13.97
O2 EDO M . -0.50 -18.42 -13.18
H11 EDO M . -0.32 -18.88 -15.62
H12 EDO M . -0.50 -17.13 -15.78
HO1 EDO M . 1.19 -17.98 -17.15
H21 EDO M . 1.47 -18.16 -13.74
H22 EDO M . 0.50 -16.68 -13.72
HO2 EDO M . -0.31 -18.30 -12.25
#